data_5LKT
#
_entry.id   5LKT
#
_cell.length_a   92.480
_cell.length_b   154.690
_cell.length_c   109.230
_cell.angle_alpha   90.00
_cell.angle_beta   90.00
_cell.angle_gamma   90.00
#
_symmetry.space_group_name_H-M   'C 2 2 21'
#
loop_
_entity.id
_entity.type
_entity.pdbx_description
1 polymer 'Histone acetyltransferase p300,Histone acetyltransferase p300'
2 non-polymer 'ZINC ION'
3 non-polymer 'Butyryl Coenzyme A'
4 non-polymer GLYCEROL
5 non-polymer 'DIMETHYL SULFOXIDE'
6 non-polymer 'CHLORIDE ION'
7 water water
#
_entity_poly.entity_id   1
_entity_poly.type   'polypeptide(L)'
_entity_poly.pdbx_seq_one_letter_code
;GAMAGKAVPMQSKKKIFKPEELRQALMPTLEALYRQDPESLPFRQPVDPQLLGIPDYFDIVKSPMDLSTIKRKLDTGQYQ
EPWQYVDDIWLMFNNAWLYNRKTSRVYKYCSKLSEVFEQEIDPVMQSLGYCCGRKLEFSPQTLCCYGKQLCTIPRDATYY
SYQNRYHFCEKCFNEIQGESVSLGDDPSQPQTTINKEQFSKRKNDTLDPELFVECTECGRKMHQICVLHHEIIWPAGFVC
DGCLKKSARTRKENKFSAKRLPSTRLGTFLENRVNDFLRRQNHPESGEVTVRVVHASDKTVEVKPGMKARFVDSGEMAES
FPYRTKALFAFEEIDGVDLCFFGMHVQEYGSDCPPPNQRRVYISYLDSVHFFRPKCLRTAVYHEILIGYLEYVKKLGYTT
GHIWACPPSEGDDYIFHCHPPDQKIPKPKRLQEWFKKMLDKAVSERIVHDYKDIFKQATEDRLTSAKELPYFEGDFWPNV
LEESIKESGGSGSQKLYATMEKHKEVFFVIRLIAGPAANSLPPIVDPDPLIPCDLMDGRDAFLTLARDKHLEFSSLRRAQ
WSTMCMLVELHTQSQDRF
;
_entity_poly.pdbx_strand_id   A
#
# COMPACT_ATOMS: atom_id res chain seq x y z
N LYS A 14 -4.43 -35.90 -11.52
CA LYS A 14 -4.76 -36.40 -12.89
C LYS A 14 -3.59 -36.27 -13.87
N LYS A 15 -3.17 -35.04 -14.16
CA LYS A 15 -2.04 -34.81 -15.07
C LYS A 15 -0.75 -35.43 -14.52
N ILE A 16 -0.37 -36.55 -15.12
CA ILE A 16 0.85 -37.25 -14.76
C ILE A 16 1.96 -36.80 -15.71
N PHE A 17 3.02 -36.23 -15.13
CA PHE A 17 4.21 -35.92 -15.89
C PHE A 17 5.09 -37.15 -15.97
N LYS A 18 5.21 -37.71 -17.18
CA LYS A 18 6.08 -38.86 -17.41
C LYS A 18 7.51 -38.37 -17.22
N PRO A 19 8.36 -39.13 -16.50
CA PRO A 19 9.72 -38.65 -16.22
C PRO A 19 10.55 -38.19 -17.42
N GLU A 20 10.30 -38.76 -18.60
CA GLU A 20 10.97 -38.32 -19.82
C GLU A 20 10.43 -36.97 -20.27
N GLU A 21 9.12 -36.77 -20.11
CA GLU A 21 8.48 -35.48 -20.36
C GLU A 21 9.14 -34.36 -19.57
N LEU A 22 9.37 -34.60 -18.28
CA LEU A 22 10.05 -33.64 -17.41
C LEU A 22 11.50 -33.42 -17.77
N ARG A 23 12.21 -34.51 -18.03
CA ARG A 23 13.61 -34.47 -18.42
C ARG A 23 13.76 -33.65 -19.71
N GLN A 24 12.98 -34.00 -20.72
CA GLN A 24 13.02 -33.31 -22.01
C GLN A 24 12.76 -31.79 -21.85
N ALA A 25 11.77 -31.46 -21.03
CA ALA A 25 11.36 -30.07 -20.81
C ALA A 25 12.35 -29.27 -19.95
N LEU A 26 12.85 -29.90 -18.89
CA LEU A 26 13.64 -29.18 -17.89
C LEU A 26 15.14 -29.23 -18.05
N MET A 27 15.65 -30.28 -18.67
CA MET A 27 17.10 -30.45 -18.84
C MET A 27 17.76 -29.30 -19.60
N PRO A 28 17.09 -28.76 -20.63
CA PRO A 28 17.68 -27.57 -21.26
C PRO A 28 17.91 -26.42 -20.28
N THR A 29 17.03 -26.26 -19.29
CA THR A 29 17.18 -25.19 -18.28
C THR A 29 18.39 -25.47 -17.38
N LEU A 30 18.62 -26.75 -17.08
CA LEU A 30 19.80 -27.15 -16.28
C LEU A 30 21.10 -26.99 -17.09
N GLU A 31 21.09 -27.42 -18.36
CA GLU A 31 22.25 -27.20 -19.24
C GLU A 31 22.63 -25.73 -19.32
N ALA A 32 21.63 -24.85 -19.36
CA ALA A 32 21.86 -23.42 -19.44
C ALA A 32 22.72 -22.91 -18.29
N LEU A 33 22.54 -23.50 -17.11
CA LEU A 33 23.37 -23.17 -15.95
C LEU A 33 24.78 -23.78 -16.06
N TYR A 34 24.83 -25.07 -16.40
CA TYR A 34 26.11 -25.79 -16.62
C TYR A 34 27.06 -25.03 -17.54
N ARG A 35 26.54 -24.57 -18.68
CA ARG A 35 27.37 -23.92 -19.70
C ARG A 35 27.82 -22.48 -19.36
N GLN A 36 27.61 -22.05 -18.11
CA GLN A 36 28.14 -20.79 -17.63
C GLN A 36 29.50 -21.03 -17.00
N ASP A 37 30.56 -20.65 -17.71
CA ASP A 37 31.94 -20.76 -17.21
C ASP A 37 32.46 -19.35 -16.96
N PRO A 38 33.09 -19.09 -15.80
CA PRO A 38 33.36 -20.05 -14.73
C PRO A 38 32.24 -20.13 -13.66
N GLU A 39 31.17 -19.34 -13.81
CA GLU A 39 30.12 -19.19 -12.76
C GLU A 39 29.56 -20.51 -12.24
N SER A 40 29.36 -21.44 -13.16
CA SER A 40 28.81 -22.76 -12.86
C SER A 40 29.73 -23.64 -12.01
N LEU A 41 31.04 -23.48 -12.15
CA LEU A 41 32.04 -24.43 -11.59
C LEU A 41 31.85 -24.75 -10.11
N PRO A 42 31.76 -23.71 -9.24
CA PRO A 42 31.51 -23.95 -7.81
C PRO A 42 30.23 -24.73 -7.47
N PHE A 43 29.30 -24.89 -8.42
CA PHE A 43 28.00 -25.53 -8.17
C PHE A 43 27.82 -26.89 -8.84
N ARG A 44 28.85 -27.38 -9.53
CA ARG A 44 28.71 -28.58 -10.38
C ARG A 44 28.83 -29.91 -9.65
N GLN A 45 29.43 -29.89 -8.46
CA GLN A 45 29.59 -31.10 -7.64
C GLN A 45 29.21 -30.78 -6.19
N PRO A 46 28.76 -31.79 -5.43
CA PRO A 46 28.47 -31.60 -4.00
C PRO A 46 29.64 -30.97 -3.25
N VAL A 47 29.34 -29.96 -2.42
CA VAL A 47 30.37 -29.29 -1.63
C VAL A 47 31.04 -30.30 -0.70
N ASP A 48 32.35 -30.47 -0.87
CA ASP A 48 33.19 -31.20 0.10
C ASP A 48 33.83 -30.15 1.02
N PRO A 49 33.30 -30.01 2.25
CA PRO A 49 33.77 -28.91 3.09
C PRO A 49 35.25 -29.01 3.51
N GLN A 50 35.72 -30.24 3.75
CA GLN A 50 37.12 -30.47 4.16
C GLN A 50 38.09 -30.11 3.05
N LEU A 51 37.88 -30.68 1.87
CA LEU A 51 38.72 -30.41 0.69
C LEU A 51 38.69 -28.94 0.31
N LEU A 52 37.49 -28.36 0.36
CA LEU A 52 37.28 -26.94 0.07
C LEU A 52 37.76 -26.01 1.19
N GLY A 53 38.25 -26.57 2.30
CA GLY A 53 38.80 -25.80 3.40
C GLY A 53 37.76 -24.94 4.11
N ILE A 54 36.59 -25.53 4.28
CA ILE A 54 35.45 -24.90 4.95
C ILE A 54 34.84 -25.94 5.89
N PRO A 55 35.23 -25.92 7.17
CA PRO A 55 34.70 -26.93 8.10
C PRO A 55 33.28 -26.64 8.55
N ASP A 56 32.97 -25.37 8.77
CA ASP A 56 31.67 -24.92 9.29
C ASP A 56 30.54 -24.89 8.26
N TYR A 57 30.76 -25.42 7.05
CA TYR A 57 29.75 -25.37 5.98
C TYR A 57 28.45 -26.05 6.41
N PHE A 58 28.57 -27.26 6.98
CA PHE A 58 27.41 -28.00 7.45
C PHE A 58 26.79 -27.50 8.77
N ASP A 59 27.45 -26.57 9.45
CA ASP A 59 26.83 -25.83 10.57
C ASP A 59 25.82 -24.80 10.07
N ILE A 60 26.04 -24.29 8.85
CA ILE A 60 25.18 -23.28 8.22
C ILE A 60 24.20 -23.92 7.22
N VAL A 61 24.73 -24.72 6.31
CA VAL A 61 23.95 -25.34 5.24
C VAL A 61 23.53 -26.72 5.69
N LYS A 62 22.24 -26.88 5.95
CA LYS A 62 21.70 -28.12 6.47
C LYS A 62 21.07 -28.99 5.41
N SER A 63 20.78 -28.44 4.22
CA SER A 63 20.25 -29.22 3.09
C SER A 63 21.08 -28.91 1.83
N PRO A 64 22.25 -29.55 1.71
CA PRO A 64 23.13 -29.30 0.56
C PRO A 64 22.47 -29.69 -0.75
N MET A 65 22.81 -28.97 -1.81
CA MET A 65 22.27 -29.26 -3.14
C MET A 65 23.21 -28.68 -4.19
N ASP A 66 23.28 -29.36 -5.34
CA ASP A 66 24.18 -28.97 -6.42
C ASP A 66 23.64 -29.49 -7.75
N LEU A 67 24.26 -29.02 -8.83
CA LEU A 67 23.81 -29.35 -10.19
C LEU A 67 23.81 -30.83 -10.50
N SER A 68 24.85 -31.53 -10.05
CA SER A 68 25.00 -32.99 -10.30
C SER A 68 23.86 -33.76 -9.65
N THR A 69 23.58 -33.42 -8.39
CA THR A 69 22.50 -34.05 -7.64
C THR A 69 21.15 -33.82 -8.35
N ILE A 70 20.96 -32.61 -8.86
CA ILE A 70 19.74 -32.24 -9.59
C ILE A 70 19.67 -32.98 -10.94
N LYS A 71 20.75 -32.93 -11.71
CA LYS A 71 20.85 -33.71 -12.95
C LYS A 71 20.51 -35.20 -12.72
N ARG A 72 21.04 -35.78 -11.65
CA ARG A 72 20.80 -37.19 -11.33
C ARG A 72 19.33 -37.48 -11.02
N LYS A 73 18.73 -36.65 -10.16
CA LYS A 73 17.31 -36.81 -9.82
C LYS A 73 16.42 -36.70 -11.06
N LEU A 74 16.83 -35.83 -11.97
CA LEU A 74 16.12 -35.59 -13.22
C LEU A 74 16.27 -36.76 -14.20
N ASP A 75 17.51 -37.22 -14.39
CA ASP A 75 17.80 -38.42 -15.20
C ASP A 75 17.09 -39.69 -14.72
N THR A 76 16.95 -39.83 -13.40
CA THR A 76 16.38 -41.03 -12.78
C THR A 76 14.92 -40.90 -12.32
N GLY A 77 14.21 -39.89 -12.84
CA GLY A 77 12.78 -39.72 -12.58
C GLY A 77 12.35 -39.54 -11.13
N GLN A 78 13.17 -38.85 -10.33
CA GLN A 78 12.84 -38.59 -8.92
C GLN A 78 11.89 -37.42 -8.69
N TYR A 79 11.61 -36.62 -9.72
CA TYR A 79 10.65 -35.51 -9.62
C TYR A 79 9.30 -35.90 -10.22
N GLN A 80 8.25 -35.74 -9.45
CA GLN A 80 6.89 -36.04 -9.91
C GLN A 80 6.29 -34.85 -10.64
N GLU A 81 6.73 -33.64 -10.29
CA GLU A 81 6.23 -32.40 -10.91
C GLU A 81 7.33 -31.32 -10.91
N PRO A 82 7.26 -30.39 -11.87
CA PRO A 82 8.41 -29.52 -12.13
C PRO A 82 8.78 -28.53 -11.01
N TRP A 83 7.83 -28.17 -10.12
CA TRP A 83 8.17 -27.27 -9.01
C TRP A 83 9.20 -27.87 -8.06
N GLN A 84 9.21 -29.20 -7.94
CA GLN A 84 10.21 -29.88 -7.13
C GLN A 84 11.61 -29.66 -7.68
N TYR A 85 11.74 -29.63 -9.01
CA TYR A 85 13.00 -29.27 -9.67
C TYR A 85 13.35 -27.83 -9.36
N VAL A 86 12.38 -26.94 -9.55
CA VAL A 86 12.59 -25.50 -9.26
C VAL A 86 13.04 -25.29 -7.80
N ASP A 87 12.40 -25.97 -6.86
CA ASP A 87 12.75 -25.83 -5.42
C ASP A 87 14.20 -26.20 -5.11
N ASP A 88 14.66 -27.29 -5.72
CA ASP A 88 16.06 -27.72 -5.57
C ASP A 88 17.02 -26.70 -6.15
N ILE A 89 16.71 -26.19 -7.35
CA ILE A 89 17.52 -25.14 -7.96
C ILE A 89 17.65 -23.97 -7.00
N TRP A 90 16.51 -23.50 -6.48
CA TRP A 90 16.54 -22.37 -5.57
C TRP A 90 17.19 -22.70 -4.23
N LEU A 91 17.13 -23.96 -3.82
CA LEU A 91 17.82 -24.38 -2.59
C LEU A 91 19.33 -24.21 -2.76
N MET A 92 19.84 -24.76 -3.85
CA MET A 92 21.24 -24.55 -4.26
C MET A 92 21.62 -23.06 -4.22
N PHE A 93 20.83 -22.21 -4.87
CA PHE A 93 21.19 -20.79 -4.91
C PHE A 93 21.20 -20.17 -3.52
N ASN A 94 20.14 -20.42 -2.74
CA ASN A 94 20.03 -19.83 -1.41
C ASN A 94 21.08 -20.38 -0.44
N ASN A 95 21.47 -21.64 -0.63
CA ASN A 95 22.59 -22.19 0.15
C ASN A 95 23.87 -21.38 -0.04
N ALA A 96 24.16 -21.03 -1.30
CA ALA A 96 25.33 -20.21 -1.64
C ALA A 96 25.21 -18.76 -1.17
N TRP A 97 24.04 -18.14 -1.38
CA TRP A 97 23.79 -16.79 -0.84
C TRP A 97 23.82 -16.74 0.69
N LEU A 98 23.49 -17.86 1.34
CA LEU A 98 23.56 -17.96 2.80
C LEU A 98 25.00 -18.08 3.30
N TYR A 99 25.74 -19.05 2.77
CA TYR A 99 27.08 -19.32 3.29
C TYR A 99 28.12 -18.25 2.96
N ASN A 100 28.09 -17.75 1.71
CA ASN A 100 29.11 -16.83 1.22
C ASN A 100 28.74 -15.37 1.46
N ARG A 101 29.77 -14.53 1.61
CA ARG A 101 29.59 -13.09 1.82
C ARG A 101 29.04 -12.44 0.55
N LYS A 102 28.24 -11.39 0.73
CA LYS A 102 27.67 -10.61 -0.38
C LYS A 102 28.75 -10.12 -1.37
N THR A 103 29.95 -9.89 -0.86
CA THR A 103 31.07 -9.38 -1.65
C THR A 103 31.96 -10.48 -2.25
N SER A 104 31.65 -11.74 -1.98
CA SER A 104 32.52 -12.85 -2.37
C SER A 104 32.37 -13.23 -3.84
N ARG A 105 33.20 -14.17 -4.26
CA ARG A 105 33.21 -14.69 -5.63
C ARG A 105 32.02 -15.57 -5.94
N VAL A 106 31.78 -16.54 -5.05
CA VAL A 106 30.74 -17.55 -5.26
C VAL A 106 29.35 -16.90 -5.21
N TYR A 107 29.21 -15.89 -4.37
CA TYR A 107 27.95 -15.16 -4.24
C TYR A 107 27.51 -14.52 -5.56
N LYS A 108 28.42 -13.79 -6.17
CA LYS A 108 28.14 -13.10 -7.45
C LYS A 108 27.94 -14.10 -8.59
N TYR A 109 28.69 -15.20 -8.58
CA TYR A 109 28.50 -16.31 -9.52
C TYR A 109 27.10 -16.89 -9.41
N CYS A 110 26.67 -17.11 -8.16
CA CYS A 110 25.35 -17.62 -7.85
C CYS A 110 24.29 -16.71 -8.42
N SER A 111 24.41 -15.42 -8.12
CA SER A 111 23.53 -14.38 -8.68
C SER A 111 23.43 -14.43 -10.20
N LYS A 112 24.55 -14.66 -10.88
CA LYS A 112 24.54 -14.76 -12.35
C LYS A 112 23.73 -15.97 -12.81
N LEU A 113 23.99 -17.13 -12.21
CA LEU A 113 23.24 -18.35 -12.52
C LEU A 113 21.73 -18.17 -12.32
N SER A 114 21.34 -17.50 -11.24
CA SER A 114 19.92 -17.34 -10.90
C SER A 114 19.20 -16.49 -11.95
N GLU A 115 19.89 -15.46 -12.45
CA GLU A 115 19.39 -14.64 -13.55
C GLU A 115 19.18 -15.46 -14.82
N VAL A 116 20.16 -16.30 -15.15
CA VAL A 116 20.02 -17.21 -16.30
C VAL A 116 18.83 -18.13 -16.08
N PHE A 117 18.72 -18.65 -14.86
CA PHE A 117 17.65 -19.59 -14.55
C PHE A 117 16.27 -18.94 -14.68
N GLU A 118 16.11 -17.75 -14.10
CA GLU A 118 14.81 -17.05 -14.16
C GLU A 118 14.33 -16.87 -15.58
N GLN A 119 15.25 -16.49 -16.46
CA GLN A 119 14.93 -16.29 -17.86
C GLN A 119 14.60 -17.61 -18.57
N GLU A 120 15.34 -18.66 -18.26
CA GLU A 120 15.08 -19.98 -18.85
C GLU A 120 13.78 -20.62 -18.35
N ILE A 121 13.52 -20.53 -17.06
CA ILE A 121 12.50 -21.39 -16.43
C ILE A 121 11.07 -20.97 -16.74
N ASP A 122 10.85 -19.67 -16.82
CA ASP A 122 9.49 -19.13 -16.99
C ASP A 122 8.74 -19.64 -18.21
N PRO A 123 9.35 -19.54 -19.42
CA PRO A 123 8.62 -20.07 -20.59
C PRO A 123 8.48 -21.60 -20.60
N VAL A 124 9.45 -22.31 -20.03
CA VAL A 124 9.32 -23.76 -19.91
C VAL A 124 8.12 -24.15 -19.05
N MET A 125 8.04 -23.56 -17.86
CA MET A 125 6.91 -23.84 -16.97
C MET A 125 5.58 -23.54 -17.62
N GLN A 126 5.51 -22.43 -18.36
CA GLN A 126 4.31 -22.11 -19.10
C GLN A 126 3.99 -23.17 -20.17
N SER A 127 4.99 -23.71 -20.84
CA SER A 127 4.77 -24.82 -21.80
C SER A 127 4.16 -26.04 -21.16
N LEU A 128 4.47 -26.27 -19.89
CA LEU A 128 3.95 -27.40 -19.13
C LEU A 128 2.58 -27.16 -18.51
N GLY A 129 1.95 -26.05 -18.86
CA GLY A 129 0.57 -25.74 -18.44
C GLY A 129 0.45 -24.87 -17.19
N TYR A 130 1.54 -24.25 -16.76
CA TYR A 130 1.57 -23.49 -15.51
C TYR A 130 1.42 -21.99 -15.76
N CYS A 131 0.87 -21.30 -14.76
CA CYS A 131 0.76 -19.84 -14.76
C CYS A 131 2.06 -19.17 -15.16
N CYS A 132 3.14 -19.59 -14.52
CA CYS A 132 4.46 -19.05 -14.73
C CYS A 132 5.47 -19.97 -14.06
N GLY A 133 6.76 -19.71 -14.28
CA GLY A 133 7.83 -20.43 -13.60
C GLY A 133 8.65 -19.64 -12.60
N ARG A 134 8.12 -18.50 -12.16
CA ARG A 134 8.88 -17.61 -11.30
C ARG A 134 8.87 -18.07 -9.85
N LYS A 135 9.96 -17.71 -9.17
CA LYS A 135 10.08 -17.88 -7.75
C LYS A 135 9.66 -16.58 -7.10
N LEU A 136 8.53 -16.61 -6.40
CA LEU A 136 7.88 -15.39 -5.94
C LEU A 136 7.75 -15.36 -4.42
N GLU A 137 8.14 -14.22 -3.85
CA GLU A 137 8.21 -14.03 -2.41
C GLU A 137 7.69 -12.64 -2.14
N PHE A 138 7.15 -12.41 -0.95
CA PHE A 138 6.61 -11.12 -0.62
C PHE A 138 7.70 -10.16 -0.19
N SER A 139 7.40 -8.87 -0.32
CA SER A 139 8.32 -7.80 0.08
C SER A 139 8.57 -7.86 1.59
N PRO A 140 9.81 -7.56 2.02
CA PRO A 140 10.08 -7.60 3.46
C PRO A 140 9.44 -6.42 4.20
N GLN A 141 8.79 -6.69 5.32
CA GLN A 141 8.19 -5.65 6.16
C GLN A 141 9.25 -4.72 6.77
N THR A 142 8.89 -3.45 6.94
CA THR A 142 9.78 -2.48 7.58
C THR A 142 9.73 -2.66 9.10
N LEU A 143 10.89 -2.94 9.70
CA LEU A 143 11.03 -3.09 11.14
C LEU A 143 11.41 -1.77 11.81
N CYS A 144 10.52 -1.28 12.68
CA CYS A 144 10.75 -0.08 13.45
C CYS A 144 11.80 -0.30 14.55
N CYS A 145 11.91 0.67 15.47
CA CYS A 145 12.82 0.58 16.60
C CYS A 145 12.21 1.26 17.82
N TYR A 146 12.00 0.45 18.87
CA TYR A 146 11.43 0.89 20.13
C TYR A 146 12.29 1.98 20.78
N CYS A 151 13.25 5.61 14.29
CA CYS A 151 14.34 4.74 13.84
C CYS A 151 13.80 3.52 13.09
N THR A 152 14.63 2.96 12.20
CA THR A 152 14.23 1.82 11.35
C THR A 152 15.40 0.88 11.03
N ILE A 153 15.09 -0.39 10.83
CA ILE A 153 16.11 -1.44 10.65
C ILE A 153 16.22 -1.84 9.18
N PRO A 154 17.45 -1.88 8.62
CA PRO A 154 17.55 -2.13 7.20
C PRO A 154 17.57 -3.60 6.80
N ARG A 155 17.03 -3.88 5.61
CA ARG A 155 17.08 -5.18 4.95
C ARG A 155 18.48 -5.80 5.05
N ASP A 156 18.52 -7.06 5.49
CA ASP A 156 19.76 -7.86 5.60
C ASP A 156 20.73 -7.49 6.74
N ALA A 157 20.64 -6.26 7.26
CA ALA A 157 21.49 -5.84 8.37
C ALA A 157 21.02 -6.44 9.69
N THR A 158 21.98 -6.69 10.57
CA THR A 158 21.77 -7.37 11.84
C THR A 158 20.93 -6.51 12.80
N TYR A 159 20.12 -7.19 13.61
CA TYR A 159 19.28 -6.54 14.63
C TYR A 159 18.94 -7.47 15.80
N TYR A 160 18.35 -6.88 16.83
CA TYR A 160 18.07 -7.58 18.08
C TYR A 160 16.59 -7.52 18.39
N SER A 161 16.00 -8.65 18.75
CA SER A 161 14.55 -8.71 19.00
C SER A 161 14.15 -9.55 20.21
N TYR A 162 12.98 -9.22 20.75
CA TYR A 162 12.42 -9.90 21.92
C TYR A 162 10.95 -10.19 21.70
N GLN A 163 10.60 -11.47 21.78
CA GLN A 163 9.23 -11.95 21.57
C GLN A 163 8.66 -11.55 20.21
N ASN A 164 9.53 -11.48 19.20
CA ASN A 164 9.19 -10.97 17.87
C ASN A 164 8.35 -9.68 17.90
N ARG A 165 8.60 -8.84 18.91
CA ARG A 165 7.75 -7.69 19.24
C ARG A 165 8.56 -6.42 19.45
N TYR A 166 9.64 -6.53 20.22
CA TYR A 166 10.54 -5.42 20.50
C TYR A 166 11.85 -5.63 19.77
N HIS A 167 12.10 -4.80 18.76
CA HIS A 167 13.31 -4.89 17.91
C HIS A 167 14.18 -3.63 18.04
N PHE A 168 15.49 -3.83 17.98
CA PHE A 168 16.46 -2.75 18.10
C PHE A 168 17.58 -2.87 17.08
N CYS A 169 17.82 -1.78 16.33
CA CYS A 169 18.94 -1.68 15.38
C CYS A 169 20.27 -1.86 16.11
N GLU A 170 21.24 -2.47 15.44
CA GLU A 170 22.51 -2.84 16.07
C GLU A 170 23.25 -1.65 16.73
N LYS A 171 23.04 -0.46 16.19
CA LYS A 171 23.58 0.78 16.77
C LYS A 171 22.87 1.15 18.07
N CYS A 172 21.58 1.48 17.99
CA CYS A 172 20.83 2.00 19.15
C CYS A 172 20.58 0.94 20.26
N PHE A 173 20.91 -0.32 19.98
CA PHE A 173 20.89 -1.38 20.96
C PHE A 173 22.11 -1.31 21.88
N ASN A 174 23.29 -1.13 21.28
CA ASN A 174 24.53 -0.99 22.04
C ASN A 174 24.71 0.41 22.63
N GLU A 175 23.93 1.38 22.11
CA GLU A 175 23.81 2.71 22.72
C GLU A 175 23.33 2.63 24.16
N ILE A 176 22.34 1.78 24.39
CA ILE A 176 21.79 1.58 25.73
C ILE A 176 22.94 1.20 26.67
N GLN A 177 23.09 1.99 27.73
CA GLN A 177 24.19 1.80 28.68
C GLN A 177 23.85 0.65 29.61
N GLY A 178 24.79 -0.27 29.79
CA GLY A 178 24.60 -1.44 30.65
C GLY A 178 23.97 -2.62 29.93
N GLU A 179 23.54 -3.59 30.73
CA GLU A 179 23.00 -4.88 30.24
C GLU A 179 21.49 -5.05 30.33
N SER A 180 20.74 -3.98 30.56
CA SER A 180 19.30 -4.12 30.77
C SER A 180 18.49 -3.10 29.96
N VAL A 181 17.49 -3.62 29.24
CA VAL A 181 16.60 -2.85 28.40
C VAL A 181 15.26 -2.74 29.13
N SER A 182 14.49 -1.70 28.82
CA SER A 182 13.19 -1.48 29.45
C SER A 182 12.08 -1.35 28.41
N LEU A 183 11.08 -2.21 28.51
CA LEU A 183 10.00 -2.30 27.53
C LEU A 183 8.65 -1.99 28.18
N GLY A 184 7.79 -1.24 27.49
CA GLY A 184 6.49 -0.82 27.99
C GLY A 184 6.24 0.67 27.80
N GLN A 191 6.03 -1.27 33.02
CA GLN A 191 7.42 -1.36 32.57
C GLN A 191 8.15 -2.56 33.18
N THR A 192 8.87 -3.31 32.34
CA THR A 192 9.68 -4.44 32.80
C THR A 192 11.07 -4.43 32.19
N THR A 193 12.00 -5.08 32.89
CA THR A 193 13.44 -5.02 32.60
C THR A 193 13.94 -6.35 32.06
N ILE A 194 14.59 -6.28 30.89
CA ILE A 194 15.06 -7.47 30.18
C ILE A 194 16.54 -7.34 29.88
N ASN A 195 17.31 -8.31 30.38
CA ASN A 195 18.72 -8.47 30.05
C ASN A 195 18.92 -8.57 28.53
N LYS A 196 20.02 -7.98 28.03
CA LYS A 196 20.35 -8.02 26.60
C LYS A 196 20.57 -9.44 26.09
N GLU A 197 21.04 -10.32 26.98
CA GLU A 197 21.19 -11.75 26.67
C GLU A 197 19.90 -12.47 26.28
N GLN A 198 18.76 -11.87 26.64
CA GLN A 198 17.44 -12.42 26.31
C GLN A 198 16.93 -12.03 24.92
N PHE A 199 17.65 -11.14 24.23
CA PHE A 199 17.32 -10.74 22.85
C PHE A 199 17.88 -11.74 21.84
N SER A 200 17.15 -11.91 20.75
CA SER A 200 17.60 -12.69 19.60
C SER A 200 18.44 -11.79 18.71
N LYS A 201 19.61 -12.28 18.30
CA LYS A 201 20.40 -11.61 17.26
C LYS A 201 20.05 -12.24 15.92
N ARG A 202 19.64 -11.43 14.96
CA ARG A 202 19.16 -11.94 13.68
C ARG A 202 19.27 -10.89 12.57
N LYS A 203 19.26 -11.38 11.33
CA LYS A 203 19.31 -10.51 10.14
C LYS A 203 17.90 -10.34 9.59
N ASN A 204 17.57 -9.14 9.12
CA ASN A 204 16.24 -8.87 8.53
C ASN A 204 16.16 -9.39 7.07
N ASP A 205 16.43 -10.67 6.88
CA ASP A 205 16.54 -11.28 5.55
C ASP A 205 15.43 -12.32 5.25
N THR A 206 14.32 -12.24 5.97
CA THR A 206 13.24 -13.22 5.87
C THR A 206 12.21 -12.77 4.87
N LEU A 207 11.91 -13.64 3.91
CA LEU A 207 10.93 -13.36 2.88
C LEU A 207 9.97 -14.53 2.75
N ASP A 208 8.69 -14.25 2.89
CA ASP A 208 7.65 -15.26 2.83
C ASP A 208 7.33 -15.61 1.38
N PRO A 209 7.32 -16.90 1.04
CA PRO A 209 6.97 -17.28 -0.32
C PRO A 209 5.50 -17.05 -0.63
N GLU A 210 5.22 -16.81 -1.89
CA GLU A 210 3.84 -16.79 -2.35
C GLU A 210 3.26 -18.17 -2.21
N LEU A 211 1.96 -18.22 -2.00
CA LEU A 211 1.23 -19.47 -1.88
C LEU A 211 0.74 -20.01 -3.20
N PHE A 212 0.60 -21.34 -3.23
CA PHE A 212 0.04 -22.03 -4.39
C PHE A 212 -1.37 -22.54 -4.11
N VAL A 213 -2.13 -22.76 -5.17
CA VAL A 213 -3.42 -23.43 -5.14
C VAL A 213 -3.31 -24.55 -6.19
N GLU A 214 -3.93 -25.69 -5.90
CA GLU A 214 -3.84 -26.86 -6.77
C GLU A 214 -5.08 -26.94 -7.62
N CYS A 215 -4.92 -27.11 -8.94
CA CYS A 215 -6.06 -27.38 -9.81
C CYS A 215 -6.70 -28.68 -9.34
N THR A 216 -8.00 -28.65 -9.10
CA THR A 216 -8.74 -29.81 -8.63
C THR A 216 -8.91 -30.88 -9.72
N GLU A 217 -8.75 -30.50 -10.98
CA GLU A 217 -8.81 -31.46 -12.09
C GLU A 217 -7.44 -32.02 -12.44
N CYS A 218 -6.55 -31.20 -13.01
CA CYS A 218 -5.24 -31.67 -13.45
C CYS A 218 -4.20 -31.82 -12.34
N GLY A 219 -4.44 -31.24 -11.17
CA GLY A 219 -3.46 -31.33 -10.09
C GLY A 219 -2.25 -30.39 -10.14
N ARG A 220 -2.12 -29.57 -11.19
CA ARG A 220 -1.04 -28.58 -11.26
C ARG A 220 -1.15 -27.52 -10.15
N LYS A 221 -0.02 -27.23 -9.51
CA LYS A 221 0.08 -26.16 -8.51
C LYS A 221 0.37 -24.83 -9.23
N MET A 222 -0.48 -23.84 -8.98
CA MET A 222 -0.32 -22.49 -9.56
C MET A 222 -0.24 -21.44 -8.46
N HIS A 223 0.47 -20.33 -8.71
CA HIS A 223 0.45 -19.19 -7.78
C HIS A 223 -0.97 -18.69 -7.61
N GLN A 224 -1.40 -18.60 -6.37
CA GLN A 224 -2.75 -18.15 -6.06
C GLN A 224 -3.02 -16.75 -6.64
N ILE A 225 -2.01 -15.88 -6.55
CA ILE A 225 -2.06 -14.55 -7.10
C ILE A 225 -2.06 -14.53 -8.64
N CYS A 226 -1.33 -15.44 -9.29
CA CYS A 226 -1.38 -15.54 -10.78
C CYS A 226 -2.78 -15.85 -11.29
N VAL A 227 -3.48 -16.76 -10.63
CA VAL A 227 -4.76 -17.24 -11.12
C VAL A 227 -5.94 -16.56 -10.45
N LEU A 228 -5.66 -15.77 -9.42
CA LEU A 228 -6.71 -15.05 -8.68
C LEU A 228 -7.82 -15.98 -8.21
N HIS A 229 -7.43 -17.02 -7.49
CA HIS A 229 -8.41 -17.94 -6.91
C HIS A 229 -8.67 -17.57 -5.46
N HIS A 230 -9.91 -17.25 -5.15
CA HIS A 230 -10.31 -16.93 -3.81
C HIS A 230 -11.37 -17.92 -3.40
N GLU A 231 -11.17 -18.55 -2.26
CA GLU A 231 -12.01 -19.67 -1.80
C GLU A 231 -13.45 -19.28 -1.47
N ILE A 232 -13.67 -18.04 -1.03
CA ILE A 232 -15.01 -17.50 -0.79
C ILE A 232 -15.78 -17.27 -2.10
N ILE A 233 -15.09 -16.82 -3.13
CA ILE A 233 -15.74 -16.46 -4.38
C ILE A 233 -16.06 -17.74 -5.19
N TRP A 234 -15.13 -18.69 -5.19
CA TRP A 234 -15.32 -19.98 -5.88
C TRP A 234 -15.16 -21.14 -4.89
N PRO A 235 -16.18 -21.37 -4.02
CA PRO A 235 -16.00 -22.36 -2.94
C PRO A 235 -15.89 -23.81 -3.40
N ALA A 236 -16.41 -24.12 -4.59
CA ALA A 236 -16.28 -25.45 -5.17
C ALA A 236 -14.83 -25.86 -5.47
N GLY A 237 -13.90 -24.91 -5.52
CA GLY A 237 -12.48 -25.22 -5.73
C GLY A 237 -11.90 -24.62 -6.99
N PHE A 238 -10.58 -24.60 -7.07
CA PHE A 238 -9.88 -24.00 -8.21
C PHE A 238 -9.80 -24.96 -9.39
N VAL A 239 -10.15 -24.46 -10.57
CA VAL A 239 -9.97 -25.17 -11.83
C VAL A 239 -9.25 -24.24 -12.79
N CYS A 240 -8.07 -24.65 -13.25
CA CYS A 240 -7.20 -23.80 -14.05
C CYS A 240 -7.82 -23.51 -15.41
N ASP A 241 -7.35 -22.45 -16.06
CA ASP A 241 -7.88 -22.04 -17.38
C ASP A 241 -7.67 -23.11 -18.44
N GLY A 242 -6.56 -23.83 -18.35
CA GLY A 242 -6.28 -24.96 -19.24
C GLY A 242 -7.38 -26.00 -19.20
N CYS A 243 -7.71 -26.46 -18.00
CA CYS A 243 -8.80 -27.43 -17.80
C CYS A 243 -10.19 -26.91 -18.20
N LEU A 244 -10.46 -25.64 -17.90
CA LEU A 244 -11.72 -25.00 -18.29
C LEU A 244 -11.91 -24.94 -19.79
N LYS A 245 -10.87 -24.51 -20.51
CA LYS A 245 -10.91 -24.37 -21.97
C LYS A 245 -11.08 -25.70 -22.70
N LYS A 246 -10.46 -26.75 -22.19
CA LYS A 246 -10.60 -28.10 -22.77
C LYS A 246 -12.05 -28.57 -22.88
N SER A 247 -12.86 -28.21 -21.89
CA SER A 247 -14.30 -28.52 -21.88
C SER A 247 -15.18 -27.29 -22.17
N ALA A 248 -14.58 -26.25 -22.75
CA ALA A 248 -15.27 -25.00 -23.10
C ALA A 248 -16.06 -24.31 -21.96
N ARG A 249 -15.61 -24.52 -20.72
CA ARG A 249 -16.21 -23.87 -19.56
C ARG A 249 -15.55 -22.53 -19.29
N THR A 250 -16.22 -21.74 -18.44
CA THR A 250 -15.67 -20.51 -17.90
C THR A 250 -15.99 -20.50 -16.41
N ARG A 251 -15.18 -19.78 -15.63
CA ARG A 251 -15.49 -19.61 -14.21
C ARG A 251 -16.85 -19.01 -13.98
N LYS A 252 -17.46 -19.41 -12.88
CA LYS A 252 -18.67 -18.77 -12.38
C LYS A 252 -18.36 -17.30 -12.07
N GLU A 253 -19.35 -16.46 -12.24
CA GLU A 253 -19.20 -15.01 -12.11
C GLU A 253 -18.73 -14.63 -10.71
N ASN A 254 -17.76 -13.72 -10.63
CA ASN A 254 -17.38 -13.11 -9.37
C ASN A 254 -18.40 -12.04 -8.97
N LYS A 255 -19.24 -12.34 -7.99
CA LYS A 255 -20.27 -11.40 -7.54
C LYS A 255 -19.77 -10.41 -6.48
N PHE A 256 -18.52 -10.60 -6.04
CA PHE A 256 -17.87 -9.75 -5.03
C PHE A 256 -17.10 -8.61 -5.73
N SER A 257 -17.75 -7.91 -6.65
CA SER A 257 -17.08 -6.92 -7.49
C SER A 257 -17.25 -5.54 -6.92
N ALA A 258 -16.46 -4.60 -7.44
CA ALA A 258 -16.55 -3.20 -7.03
C ALA A 258 -17.91 -2.62 -7.43
N LYS A 259 -18.33 -2.94 -8.65
CA LYS A 259 -19.63 -2.48 -9.18
C LYS A 259 -20.82 -2.88 -8.28
N ARG A 260 -20.76 -4.07 -7.68
CA ARG A 260 -21.83 -4.54 -6.82
C ARG A 260 -21.80 -4.03 -5.37
N LEU A 261 -20.77 -3.28 -4.97
CA LEU A 261 -20.83 -2.58 -3.69
C LEU A 261 -21.97 -1.56 -3.76
N PRO A 262 -22.67 -1.28 -2.63
CA PRO A 262 -23.79 -0.32 -2.67
C PRO A 262 -23.44 1.10 -3.15
N SER A 263 -24.31 1.61 -4.01
CA SER A 263 -24.19 2.95 -4.55
C SER A 263 -24.59 3.99 -3.52
N THR A 264 -24.04 5.20 -3.67
CA THR A 264 -24.38 6.35 -2.85
C THR A 264 -24.56 7.51 -3.84
N ARG A 265 -25.20 8.57 -3.40
CA ARG A 265 -25.27 9.81 -4.20
C ARG A 265 -23.87 10.34 -4.53
N LEU A 266 -22.99 10.36 -3.52
CA LEU A 266 -21.65 10.85 -3.71
C LEU A 266 -20.84 10.00 -4.72
N GLY A 267 -20.81 8.70 -4.49
CA GLY A 267 -20.13 7.76 -5.39
C GLY A 267 -20.63 7.88 -6.83
N THR A 268 -21.94 7.90 -6.98
CA THR A 268 -22.55 8.03 -8.30
C THR A 268 -22.12 9.33 -8.97
N PHE A 269 -22.16 10.41 -8.21
CA PHE A 269 -21.82 11.71 -8.76
C PHE A 269 -20.37 11.71 -9.28
N LEU A 270 -19.45 11.15 -8.48
CA LEU A 270 -18.04 11.14 -8.79
C LEU A 270 -17.75 10.25 -10.00
N GLU A 271 -18.35 9.08 -10.03
CA GLU A 271 -18.10 8.18 -11.12
C GLU A 271 -18.69 8.72 -12.42
N ASN A 272 -19.86 9.33 -12.36
CA ASN A 272 -20.41 10.00 -13.54
C ASN A 272 -19.51 11.11 -14.08
N ARG A 273 -18.93 11.89 -13.18
CA ARG A 273 -18.03 12.94 -13.61
C ARG A 273 -16.81 12.33 -14.34
N VAL A 274 -16.24 11.29 -13.75
CA VAL A 274 -15.06 10.64 -14.30
C VAL A 274 -15.32 10.02 -15.67
N ASN A 275 -16.38 9.24 -15.76
CA ASN A 275 -16.71 8.53 -17.00
C ASN A 275 -17.18 9.46 -18.10
N ASP A 276 -17.87 10.51 -17.75
CA ASP A 276 -18.20 11.55 -18.75
C ASP A 276 -16.92 12.21 -19.29
N PHE A 277 -15.94 12.47 -18.40
CA PHE A 277 -14.65 13.00 -18.82
C PHE A 277 -13.94 12.04 -19.78
N LEU A 278 -13.86 10.77 -19.40
CA LEU A 278 -13.22 9.76 -20.23
C LEU A 278 -13.90 9.62 -21.60
N ARG A 279 -15.22 9.66 -21.61
CA ARG A 279 -15.96 9.62 -22.86
C ARG A 279 -15.65 10.82 -23.75
N ARG A 280 -15.51 12.00 -23.17
CA ARG A 280 -15.10 13.17 -23.97
C ARG A 280 -13.69 13.00 -24.56
N GLN A 281 -12.77 12.42 -23.79
CA GLN A 281 -11.40 12.25 -24.26
C GLN A 281 -11.31 11.23 -25.39
N ASN A 282 -12.09 10.18 -25.27
CA ASN A 282 -12.18 9.17 -26.31
C ASN A 282 -10.81 8.56 -26.64
N HIS A 283 -9.94 8.42 -25.64
CA HIS A 283 -8.62 7.81 -25.81
C HIS A 283 -8.81 6.31 -26.04
N PRO A 284 -8.01 5.69 -26.94
CA PRO A 284 -8.08 4.23 -27.13
C PRO A 284 -7.87 3.43 -25.84
N GLU A 285 -8.53 2.29 -25.73
CA GLU A 285 -8.35 1.38 -24.58
C GLU A 285 -8.63 2.09 -23.23
N SER A 286 -9.70 2.87 -23.19
CA SER A 286 -10.18 3.43 -21.95
C SER A 286 -11.13 2.44 -21.33
N GLY A 287 -11.15 2.42 -20.02
CA GLY A 287 -12.06 1.57 -19.27
C GLY A 287 -12.97 2.44 -18.42
N GLU A 288 -14.12 1.89 -18.10
CA GLU A 288 -15.05 2.52 -17.15
C GLU A 288 -14.48 2.57 -15.73
N VAL A 289 -14.70 3.68 -15.04
CA VAL A 289 -14.32 3.79 -13.63
C VAL A 289 -15.54 3.64 -12.71
N THR A 290 -15.36 2.90 -11.63
CA THR A 290 -16.36 2.74 -10.59
C THR A 290 -15.89 3.44 -9.33
N VAL A 291 -16.73 4.30 -8.76
CA VAL A 291 -16.40 4.97 -7.48
C VAL A 291 -17.40 4.56 -6.41
N ARG A 292 -16.91 4.08 -5.28
CA ARG A 292 -17.76 3.68 -4.16
C ARG A 292 -17.31 4.28 -2.85
N VAL A 293 -18.30 4.81 -2.12
CA VAL A 293 -18.13 5.24 -0.75
C VAL A 293 -18.34 4.01 0.09
N VAL A 294 -17.34 3.65 0.90
CA VAL A 294 -17.38 2.39 1.65
C VAL A 294 -17.45 2.55 3.16
N HIS A 295 -17.40 3.79 3.63
CA HIS A 295 -17.51 4.10 5.04
C HIS A 295 -18.03 5.47 5.19
N ALA A 296 -18.98 5.63 6.12
CA ALA A 296 -19.40 6.93 6.60
C ALA A 296 -19.83 6.78 8.05
N SER A 297 -19.19 7.52 8.95
CA SER A 297 -19.57 7.50 10.36
C SER A 297 -19.36 8.88 11.00
N ASP A 298 -20.02 9.07 12.13
CA ASP A 298 -19.86 10.30 12.89
C ASP A 298 -18.81 10.13 13.98
N LYS A 299 -17.97 11.15 14.11
CA LYS A 299 -16.79 11.13 14.97
C LYS A 299 -16.63 12.50 15.59
N THR A 300 -15.67 12.64 16.50
CA THR A 300 -15.33 13.95 17.05
C THR A 300 -13.83 14.08 17.11
N VAL A 301 -13.34 15.29 16.89
CA VAL A 301 -11.94 15.60 17.18
C VAL A 301 -11.92 16.36 18.50
N GLU A 302 -11.07 15.92 19.43
CA GLU A 302 -10.93 16.58 20.72
C GLU A 302 -9.75 17.53 20.71
N VAL A 303 -9.93 18.72 21.25
CA VAL A 303 -8.82 19.66 21.38
C VAL A 303 -7.79 19.09 22.35
N LYS A 304 -6.54 19.07 21.92
CA LYS A 304 -5.42 18.51 22.68
C LYS A 304 -5.11 19.33 23.95
N PRO A 305 -4.32 18.77 24.90
CA PRO A 305 -4.21 19.39 26.24
C PRO A 305 -3.69 20.82 26.31
N GLY A 306 -2.74 21.16 25.46
CA GLY A 306 -2.21 22.52 25.42
C GLY A 306 -3.24 23.54 25.02
N MET A 307 -3.88 23.30 23.87
CA MET A 307 -4.90 24.21 23.39
C MET A 307 -6.14 24.20 24.29
N LYS A 308 -6.41 23.08 24.92
CA LYS A 308 -7.55 22.97 25.82
C LYS A 308 -7.32 23.83 27.09
N ALA A 309 -6.14 23.71 27.70
CA ALA A 309 -5.79 24.56 28.83
C ALA A 309 -5.84 26.02 28.44
N ARG A 310 -5.39 26.35 27.23
CA ARG A 310 -5.33 27.74 26.80
C ARG A 310 -6.68 28.37 26.51
N PHE A 311 -7.56 27.66 25.82
CA PHE A 311 -8.79 28.27 25.31
C PHE A 311 -10.09 27.56 25.69
N VAL A 312 -10.03 26.25 25.92
CA VAL A 312 -11.26 25.50 26.20
C VAL A 312 -11.71 25.77 27.64
N ASP A 313 -10.77 25.69 28.58
CA ASP A 313 -11.07 25.82 30.01
C ASP A 313 -11.57 27.23 30.40
N SER A 314 -11.29 28.23 29.59
CA SER A 314 -11.83 29.58 29.73
C SER A 314 -13.02 29.84 28.84
N GLY A 315 -13.54 28.79 28.20
CA GLY A 315 -14.76 28.88 27.40
C GLY A 315 -14.65 29.62 26.08
N GLU A 316 -13.44 29.79 25.56
CA GLU A 316 -13.24 30.53 24.32
C GLU A 316 -13.28 29.63 23.08
N MET A 317 -13.24 28.31 23.29
CA MET A 317 -13.20 27.35 22.20
C MET A 317 -13.87 26.07 22.64
N ALA A 318 -14.59 25.43 21.72
CA ALA A 318 -15.21 24.14 21.98
C ALA A 318 -14.18 23.09 22.34
N GLU A 319 -14.53 22.17 23.25
CA GLU A 319 -13.60 21.13 23.65
C GLU A 319 -13.41 20.05 22.57
N SER A 320 -14.38 19.96 21.66
CA SER A 320 -14.30 19.00 20.59
C SER A 320 -15.22 19.40 19.45
N PHE A 321 -14.96 18.86 18.25
CA PHE A 321 -15.75 19.24 17.06
C PHE A 321 -16.25 17.98 16.37
N PRO A 322 -17.58 17.90 16.16
CA PRO A 322 -18.11 16.72 15.51
C PRO A 322 -17.95 16.81 13.98
N TYR A 323 -17.69 15.66 13.38
CA TYR A 323 -17.61 15.56 11.93
C TYR A 323 -18.05 14.19 11.45
N ARG A 324 -18.29 14.13 10.15
CA ARG A 324 -18.50 12.87 9.49
C ARG A 324 -17.24 12.52 8.71
N THR A 325 -16.73 11.31 8.91
CA THR A 325 -15.65 10.79 8.09
C THR A 325 -16.23 9.91 6.99
N LYS A 326 -15.65 9.99 5.78
CA LYS A 326 -16.01 9.09 4.70
C LYS A 326 -14.75 8.56 4.03
N ALA A 327 -14.82 7.31 3.59
CA ALA A 327 -13.77 6.68 2.81
C ALA A 327 -14.35 6.27 1.47
N LEU A 328 -13.62 6.61 0.41
CA LEU A 328 -14.05 6.29 -0.93
C LEU A 328 -12.89 5.80 -1.79
N PHE A 329 -13.23 4.94 -2.73
CA PHE A 329 -12.28 4.28 -3.60
C PHE A 329 -12.75 4.26 -5.05
N ALA A 330 -11.79 4.31 -5.97
CA ALA A 330 -12.08 4.21 -7.39
C ALA A 330 -11.43 2.94 -7.92
N PHE A 331 -12.14 2.28 -8.83
CA PHE A 331 -11.76 1.00 -9.36
C PHE A 331 -11.86 1.04 -10.87
N GLU A 332 -10.98 0.30 -11.53
CA GLU A 332 -11.02 0.12 -12.97
C GLU A 332 -10.84 -1.36 -13.28
N GLU A 333 -11.51 -1.83 -14.34
CA GLU A 333 -11.28 -3.17 -14.82
C GLU A 333 -10.02 -3.22 -15.68
N ILE A 334 -9.06 -4.04 -15.29
CA ILE A 334 -7.82 -4.21 -16.04
C ILE A 334 -7.63 -5.72 -16.27
N ASP A 335 -7.45 -6.10 -17.54
CA ASP A 335 -7.36 -7.52 -17.95
C ASP A 335 -8.52 -8.37 -17.40
N GLY A 336 -9.73 -7.84 -17.49
CA GLY A 336 -10.94 -8.51 -17.02
C GLY A 336 -11.20 -8.55 -15.51
N VAL A 337 -10.35 -7.89 -14.72
CA VAL A 337 -10.38 -8.01 -13.26
C VAL A 337 -10.39 -6.61 -12.62
N ASP A 338 -11.03 -6.50 -11.47
CA ASP A 338 -11.12 -5.24 -10.76
C ASP A 338 -9.74 -4.81 -10.22
N LEU A 339 -9.48 -3.52 -10.29
CA LEU A 339 -8.24 -2.96 -9.77
C LEU A 339 -8.53 -1.65 -9.06
N CYS A 340 -8.25 -1.61 -7.75
CA CYS A 340 -8.44 -0.41 -6.94
C CYS A 340 -7.23 0.49 -7.13
N PHE A 341 -7.43 1.71 -7.65
CA PHE A 341 -6.30 2.56 -8.00
C PHE A 341 -6.21 3.89 -7.28
N PHE A 342 -7.26 4.25 -6.55
CA PHE A 342 -7.33 5.52 -5.86
C PHE A 342 -8.21 5.37 -4.64
N GLY A 343 -7.79 6.04 -3.57
CA GLY A 343 -8.47 6.01 -2.30
C GLY A 343 -8.37 7.36 -1.64
N MET A 344 -9.38 7.72 -0.86
CA MET A 344 -9.36 8.95 -0.11
C MET A 344 -10.27 8.88 1.11
N HIS A 345 -9.82 9.50 2.21
CA HIS A 345 -10.63 9.73 3.37
C HIS A 345 -10.80 11.23 3.61
N VAL A 346 -12.02 11.62 3.97
CA VAL A 346 -12.35 13.01 4.21
C VAL A 346 -13.05 13.21 5.56
N GLN A 347 -12.92 14.44 6.08
CA GLN A 347 -13.58 14.88 7.31
C GLN A 347 -14.51 16.00 6.92
N GLU A 348 -15.79 15.86 7.29
CA GLU A 348 -16.78 16.84 6.93
C GLU A 348 -17.45 17.41 8.19
N TYR A 349 -17.24 18.70 8.42
CA TYR A 349 -17.79 19.41 9.60
C TYR A 349 -19.01 20.20 9.18
N GLY A 350 -20.18 19.73 9.62
CA GLY A 350 -21.46 20.25 9.15
C GLY A 350 -21.86 21.60 9.73
N SER A 351 -23.09 21.98 9.47
CA SER A 351 -23.62 23.27 9.92
C SER A 351 -23.95 23.31 11.42
N ASP A 352 -24.11 22.16 12.08
CA ASP A 352 -24.29 22.11 13.56
C ASP A 352 -22.97 22.16 14.36
N CYS A 353 -21.84 22.10 13.67
CA CYS A 353 -20.56 22.07 14.31
C CYS A 353 -20.20 23.49 14.81
N PRO A 354 -19.57 23.63 16.00
CA PRO A 354 -19.17 24.98 16.44
C PRO A 354 -18.09 25.60 15.55
N PRO A 355 -18.07 26.95 15.42
CA PRO A 355 -16.88 27.59 14.88
C PRO A 355 -15.63 27.20 15.69
N PRO A 356 -14.44 27.20 15.10
CA PRO A 356 -14.17 27.65 13.75
C PRO A 356 -14.31 26.57 12.63
N ASN A 357 -14.87 25.40 12.93
CA ASN A 357 -14.85 24.29 11.99
C ASN A 357 -16.11 24.20 11.10
N GLN A 358 -17.09 25.02 11.42
CA GLN A 358 -18.42 24.97 10.79
C GLN A 358 -18.37 25.00 9.26
N ARG A 359 -19.04 24.04 8.63
CA ARG A 359 -19.19 23.97 7.16
C ARG A 359 -17.89 23.81 6.37
N ARG A 360 -16.94 23.07 6.96
CA ARG A 360 -15.63 22.86 6.36
C ARG A 360 -15.40 21.42 6.04
N VAL A 361 -14.71 21.15 4.96
CA VAL A 361 -14.20 19.82 4.67
C VAL A 361 -12.68 19.82 4.62
N TYR A 362 -12.12 18.70 5.05
CA TYR A 362 -10.69 18.50 5.09
C TYR A 362 -10.32 17.13 4.53
N ILE A 363 -9.30 17.08 3.69
CA ILE A 363 -8.87 15.79 3.17
C ILE A 363 -7.91 15.18 4.15
N SER A 364 -8.31 14.09 4.78
CA SER A 364 -7.44 13.40 5.74
C SER A 364 -6.22 12.83 5.01
N TYR A 365 -6.50 12.04 4.00
CA TYR A 365 -5.42 11.46 3.17
C TYR A 365 -5.97 10.88 1.91
N LEU A 366 -5.17 10.95 0.85
CA LEU A 366 -5.48 10.28 -0.39
C LEU A 366 -4.25 9.53 -0.85
N ASP A 367 -4.46 8.55 -1.71
CA ASP A 367 -3.42 7.64 -2.14
C ASP A 367 -3.83 7.02 -3.46
N SER A 368 -2.84 6.51 -4.16
CA SER A 368 -3.06 5.89 -5.44
C SER A 368 -2.02 4.80 -5.72
N VAL A 369 -2.37 3.97 -6.69
CA VAL A 369 -1.57 2.86 -7.17
C VAL A 369 -1.61 3.01 -8.66
N HIS A 370 -0.43 3.25 -9.27
CA HIS A 370 -0.33 3.88 -10.60
C HIS A 370 -0.67 3.04 -11.84
N PHE A 371 -1.58 2.09 -11.71
CA PHE A 371 -1.91 1.17 -12.82
C PHE A 371 -3.07 1.61 -13.70
N PHE A 372 -3.67 2.76 -13.41
CA PHE A 372 -4.75 3.27 -14.25
C PHE A 372 -4.39 3.30 -15.75
N ARG A 373 -5.36 2.92 -16.59
CA ARG A 373 -5.22 2.93 -18.03
C ARG A 373 -6.31 3.78 -18.64
N PRO A 374 -5.97 4.67 -19.56
CA PRO A 374 -4.64 4.92 -20.10
C PRO A 374 -3.82 5.83 -19.21
N LYS A 375 -2.54 5.51 -19.08
CA LYS A 375 -1.56 6.33 -18.32
C LYS A 375 -1.69 7.84 -18.55
N CYS A 376 -1.88 8.24 -19.82
CA CYS A 376 -1.86 9.66 -20.16
CA CYS A 376 -1.91 9.65 -20.23
C CYS A 376 -3.01 10.44 -19.50
N LEU A 377 -4.05 9.74 -19.03
CA LEU A 377 -5.17 10.37 -18.37
C LEU A 377 -5.26 10.14 -16.86
N ARG A 378 -4.27 9.46 -16.29
CA ARG A 378 -4.26 9.13 -14.88
C ARG A 378 -4.41 10.37 -13.97
N THR A 379 -3.51 11.33 -14.11
CA THR A 379 -3.55 12.56 -13.34
C THR A 379 -4.88 13.27 -13.54
N ALA A 380 -5.31 13.35 -14.78
CA ALA A 380 -6.57 14.01 -15.09
C ALA A 380 -7.69 13.37 -14.33
N VAL A 381 -7.70 12.05 -14.23
CA VAL A 381 -8.79 11.35 -13.55
C VAL A 381 -8.78 11.62 -12.05
N TYR A 382 -7.58 11.61 -11.43
CA TYR A 382 -7.48 11.98 -10.02
C TYR A 382 -8.04 13.38 -9.77
N HIS A 383 -7.70 14.30 -10.66
CA HIS A 383 -8.21 15.65 -10.56
C HIS A 383 -9.73 15.72 -10.68
N GLU A 384 -10.29 14.93 -11.59
CA GLU A 384 -11.74 14.89 -11.74
C GLU A 384 -12.43 14.41 -10.47
N ILE A 385 -11.82 13.43 -9.80
CA ILE A 385 -12.37 12.91 -8.56
C ILE A 385 -12.36 14.01 -7.50
N LEU A 386 -11.23 14.72 -7.36
CA LEU A 386 -11.15 15.79 -6.37
C LEU A 386 -12.05 16.99 -6.69
N ILE A 387 -12.08 17.40 -7.95
CA ILE A 387 -12.93 18.53 -8.35
C ILE A 387 -14.40 18.18 -8.11
N GLY A 388 -14.78 16.96 -8.50
CA GLY A 388 -16.12 16.44 -8.24
C GLY A 388 -16.49 16.45 -6.77
N TYR A 389 -15.55 16.10 -5.92
CA TYR A 389 -15.81 16.04 -4.51
C TYR A 389 -16.04 17.43 -3.93
N LEU A 390 -15.19 18.38 -4.32
CA LEU A 390 -15.38 19.79 -3.97
C LEU A 390 -16.74 20.32 -4.47
N GLU A 391 -17.07 20.00 -5.71
CA GLU A 391 -18.36 20.43 -6.28
C GLU A 391 -19.55 19.86 -5.47
N TYR A 392 -19.42 18.61 -5.06
CA TYR A 392 -20.49 17.93 -4.36
C TYR A 392 -20.76 18.55 -3.00
N VAL A 393 -19.71 18.73 -2.20
CA VAL A 393 -19.89 19.27 -0.87
C VAL A 393 -20.29 20.74 -0.92
N LYS A 394 -19.82 21.46 -1.93
CA LYS A 394 -20.30 22.83 -2.18
C LYS A 394 -21.81 22.86 -2.33
N LYS A 395 -22.33 21.92 -3.11
CA LYS A 395 -23.79 21.84 -3.35
C LYS A 395 -24.54 21.60 -2.03
N LEU A 396 -23.97 20.78 -1.13
CA LEU A 396 -24.58 20.53 0.17
C LEU A 396 -24.58 21.75 1.10
N GLY A 397 -23.70 22.71 0.85
CA GLY A 397 -23.57 23.93 1.62
C GLY A 397 -22.31 24.00 2.46
N TYR A 398 -21.31 23.18 2.16
CA TYR A 398 -20.00 23.36 2.77
C TYR A 398 -19.33 24.54 2.06
N THR A 399 -18.77 25.45 2.84
CA THR A 399 -18.25 26.72 2.29
C THR A 399 -16.79 26.66 1.89
N THR A 400 -16.03 25.78 2.54
CA THR A 400 -14.57 25.85 2.48
C THR A 400 -13.93 24.47 2.54
N GLY A 401 -12.98 24.24 1.63
CA GLY A 401 -12.13 23.04 1.66
C GLY A 401 -10.72 23.32 2.16
N HIS A 402 -10.11 22.29 2.74
CA HIS A 402 -8.79 22.39 3.38
C HIS A 402 -7.93 21.23 2.99
N ILE A 403 -6.75 21.55 2.45
CA ILE A 403 -5.80 20.53 1.99
C ILE A 403 -4.43 20.85 2.55
N TRP A 404 -3.87 19.87 3.24
CA TRP A 404 -2.46 19.84 3.59
C TRP A 404 -1.69 18.98 2.54
N ALA A 405 -0.89 19.63 1.70
CA ALA A 405 -0.03 18.93 0.73
C ALA A 405 1.20 18.28 1.38
N CYS A 406 1.01 17.08 1.89
CA CYS A 406 2.04 16.42 2.70
C CYS A 406 2.34 15.01 2.18
N PRO A 407 3.45 14.84 1.44
CA PRO A 407 3.81 13.51 0.95
C PRO A 407 4.05 12.54 2.11
N PRO A 408 3.87 11.24 1.87
CA PRO A 408 4.12 10.31 2.96
C PRO A 408 5.58 10.30 3.32
N SER A 409 5.89 10.02 4.58
CA SER A 409 7.29 9.84 4.99
C SER A 409 7.90 8.63 4.25
N GLU A 410 9.23 8.65 4.14
CA GLU A 410 10.00 7.61 3.45
C GLU A 410 9.53 6.17 3.73
N GLY A 411 9.15 5.47 2.66
CA GLY A 411 8.69 4.08 2.77
C GLY A 411 7.49 3.89 3.68
N ASP A 412 6.64 4.92 3.81
CA ASP A 412 5.35 4.76 4.48
C ASP A 412 4.24 4.90 3.41
N ASP A 413 3.09 4.32 3.70
CA ASP A 413 1.93 4.35 2.82
C ASP A 413 0.74 5.00 3.50
N TYR A 414 0.06 5.90 2.82
CA TYR A 414 -1.15 6.47 3.39
C TYR A 414 -2.30 5.49 3.51
N ILE A 415 -2.61 4.77 2.42
CA ILE A 415 -3.81 3.92 2.38
C ILE A 415 -3.49 2.51 1.87
N PHE A 416 -2.76 2.42 0.76
CA PHE A 416 -2.41 1.15 0.13
C PHE A 416 -1.06 0.65 0.59
N HIS A 417 -1.07 -0.53 1.20
CA HIS A 417 0.17 -1.15 1.67
C HIS A 417 1.07 -1.59 0.53
N CYS A 418 2.34 -1.17 0.59
CA CYS A 418 3.40 -1.63 -0.30
C CYS A 418 3.16 -1.24 -1.77
N HIS A 419 3.48 0.01 -2.09
CA HIS A 419 3.41 0.55 -3.44
C HIS A 419 4.42 -0.10 -4.40
N PRO A 420 4.18 0.02 -5.72
CA PRO A 420 5.18 -0.44 -6.67
C PRO A 420 6.51 0.30 -6.44
N PRO A 421 7.63 -0.41 -6.45
CA PRO A 421 8.91 0.27 -6.23
C PRO A 421 9.24 1.32 -7.29
N ASP A 422 8.65 1.22 -8.47
CA ASP A 422 8.85 2.20 -9.54
C ASP A 422 7.77 3.30 -9.59
N GLN A 423 6.89 3.36 -8.60
CA GLN A 423 5.96 4.47 -8.48
C GLN A 423 6.65 5.55 -7.66
N LYS A 424 7.02 6.65 -8.30
CA LYS A 424 7.74 7.68 -7.57
C LYS A 424 6.79 8.46 -6.65
N ILE A 425 7.31 8.86 -5.51
CA ILE A 425 6.55 9.64 -4.53
C ILE A 425 6.93 11.10 -4.72
N PRO A 426 5.94 11.97 -5.00
CA PRO A 426 6.23 13.39 -5.17
C PRO A 426 6.81 14.04 -3.92
N LYS A 427 7.80 14.92 -4.10
CA LYS A 427 8.23 15.79 -3.03
C LYS A 427 7.22 16.95 -2.91
N PRO A 428 7.34 17.77 -1.84
CA PRO A 428 6.34 18.80 -1.57
C PRO A 428 6.08 19.78 -2.69
N LYS A 429 7.12 20.28 -3.35
CA LYS A 429 6.89 21.24 -4.44
C LYS A 429 6.04 20.63 -5.58
N ARG A 430 6.40 19.44 -6.04
CA ARG A 430 5.60 18.77 -7.05
C ARG A 430 4.14 18.53 -6.60
N LEU A 431 3.96 18.07 -5.36
CA LEU A 431 2.63 17.82 -4.81
C LEU A 431 1.82 19.12 -4.72
N GLN A 432 2.45 20.21 -4.27
CA GLN A 432 1.80 21.51 -4.22
C GLN A 432 1.30 21.94 -5.57
N GLU A 433 2.16 21.81 -6.59
CA GLU A 433 1.80 22.19 -7.95
C GLU A 433 0.68 21.33 -8.54
N TRP A 434 0.66 20.08 -8.14
CA TRP A 434 -0.39 19.15 -8.54
C TRP A 434 -1.74 19.61 -7.97
N PHE A 435 -1.77 19.99 -6.70
CA PHE A 435 -3.01 20.53 -6.09
C PHE A 435 -3.42 21.86 -6.75
N LYS A 436 -2.45 22.72 -7.04
CA LYS A 436 -2.72 23.98 -7.76
C LYS A 436 -3.30 23.78 -9.14
N LYS A 437 -2.77 22.81 -9.88
CA LYS A 437 -3.31 22.48 -11.19
C LYS A 437 -4.77 22.00 -11.08
N MET A 438 -5.05 21.13 -10.10
CA MET A 438 -6.42 20.69 -9.83
C MET A 438 -7.35 21.86 -9.52
N LEU A 439 -6.94 22.69 -8.58
CA LEU A 439 -7.73 23.83 -8.14
C LEU A 439 -7.92 24.88 -9.23
N ASP A 440 -6.91 25.10 -10.06
CA ASP A 440 -7.03 26.01 -11.20
C ASP A 440 -8.11 25.51 -12.15
N LYS A 441 -8.18 24.21 -12.39
CA LYS A 441 -9.25 23.64 -13.22
C LYS A 441 -10.61 23.88 -12.53
N ALA A 442 -10.65 23.63 -11.22
CA ALA A 442 -11.85 23.88 -10.43
C ALA A 442 -12.31 25.34 -10.48
N VAL A 443 -11.38 26.28 -10.41
CA VAL A 443 -11.69 27.69 -10.58
C VAL A 443 -12.25 27.99 -11.97
N SER A 444 -11.60 27.47 -13.02
CA SER A 444 -12.06 27.74 -14.39
C SER A 444 -13.43 27.14 -14.68
N GLU A 445 -13.78 26.07 -13.97
CA GLU A 445 -15.14 25.52 -14.01
C GLU A 445 -16.17 26.21 -13.09
N ARG A 446 -15.75 27.25 -12.37
CA ARG A 446 -16.61 27.99 -11.45
C ARG A 446 -17.14 27.16 -10.29
N ILE A 447 -16.40 26.12 -9.93
CA ILE A 447 -16.69 25.35 -8.72
C ILE A 447 -16.02 26.02 -7.52
N VAL A 448 -14.71 26.20 -7.63
CA VAL A 448 -13.95 26.91 -6.58
C VAL A 448 -14.00 28.38 -6.92
N HIS A 449 -14.37 29.19 -5.95
CA HIS A 449 -14.40 30.65 -6.14
C HIS A 449 -12.97 31.17 -6.22
N ASP A 450 -12.17 30.86 -5.20
CA ASP A 450 -10.74 31.12 -5.23
C ASP A 450 -10.10 30.25 -4.19
N TYR A 451 -8.78 30.29 -4.09
CA TYR A 451 -8.05 29.62 -3.02
C TYR A 451 -6.80 30.40 -2.69
N LYS A 452 -6.32 30.19 -1.48
CA LYS A 452 -5.16 30.94 -0.96
C LYS A 452 -4.35 30.01 -0.08
N ASP A 453 -3.09 30.34 0.12
CA ASP A 453 -2.33 29.68 1.20
C ASP A 453 -2.86 30.11 2.59
N ILE A 454 -2.55 29.33 3.62
CA ILE A 454 -3.10 29.57 4.96
C ILE A 454 -2.78 30.99 5.49
N PHE A 455 -1.58 31.48 5.16
CA PHE A 455 -1.08 32.79 5.65
C PHE A 455 -1.86 33.92 5.03
N LYS A 456 -2.03 33.85 3.72
CA LYS A 456 -2.84 34.83 3.00
C LYS A 456 -4.31 34.77 3.42
N GLN A 457 -4.84 33.56 3.60
CA GLN A 457 -6.22 33.42 4.07
C GLN A 457 -6.42 34.03 5.45
N ALA A 458 -5.50 33.78 6.37
CA ALA A 458 -5.62 34.32 7.73
C ALA A 458 -5.58 35.85 7.68
N THR A 459 -4.66 36.39 6.87
CA THR A 459 -4.59 37.81 6.63
C THR A 459 -5.94 38.32 6.14
N GLU A 460 -6.51 37.69 5.12
CA GLU A 460 -7.80 38.10 4.59
C GLU A 460 -8.93 38.03 5.64
N ASP A 461 -8.90 37.00 6.49
CA ASP A 461 -9.91 36.84 7.54
C ASP A 461 -9.66 37.70 8.78
N ARG A 462 -8.61 38.52 8.76
CA ARG A 462 -8.21 39.32 9.89
C ARG A 462 -8.13 38.45 11.13
N LEU A 463 -7.51 37.28 10.98
CA LEU A 463 -7.32 36.37 12.10
C LEU A 463 -6.32 36.99 13.09
N THR A 464 -6.63 36.86 14.37
CA THR A 464 -5.75 37.33 15.44
C THR A 464 -5.30 36.25 16.41
N SER A 465 -6.04 35.14 16.50
CA SER A 465 -5.77 34.13 17.52
C SER A 465 -5.80 32.72 16.96
N ALA A 466 -5.01 31.85 17.59
CA ALA A 466 -4.95 30.44 17.24
C ALA A 466 -6.27 29.72 17.42
N LYS A 467 -7.14 30.20 18.32
CA LYS A 467 -8.46 29.59 18.51
C LYS A 467 -9.37 29.77 17.27
N GLU A 468 -9.01 30.67 16.36
CA GLU A 468 -9.76 30.89 15.13
C GLU A 468 -9.34 29.96 13.96
N LEU A 469 -8.29 29.16 14.14
CA LEU A 469 -7.85 28.26 13.09
C LEU A 469 -8.66 26.97 13.15
N PRO A 470 -9.21 26.53 12.00
CA PRO A 470 -9.86 25.24 11.91
C PRO A 470 -9.00 24.15 12.53
N TYR A 471 -9.64 23.24 13.26
CA TYR A 471 -8.94 22.25 14.10
C TYR A 471 -9.36 20.84 13.66
N PHE A 472 -8.55 20.20 12.81
CA PHE A 472 -8.93 18.94 12.18
C PHE A 472 -8.18 17.75 12.79
N GLU A 473 -8.79 16.57 12.74
CA GLU A 473 -8.17 15.38 13.28
C GLU A 473 -6.93 15.04 12.47
N GLY A 474 -5.81 14.83 13.16
CA GLY A 474 -4.56 14.44 12.52
C GLY A 474 -3.81 15.51 11.74
N ASP A 475 -4.30 16.74 11.75
CA ASP A 475 -3.71 17.81 10.94
C ASP A 475 -2.46 18.40 11.61
N PHE A 476 -1.66 19.07 10.80
CA PHE A 476 -0.46 19.75 11.26
C PHE A 476 -0.69 20.75 12.39
N TRP A 477 -1.70 21.59 12.22
CA TRP A 477 -1.91 22.76 13.06
C TRP A 477 -2.21 22.44 14.53
N PRO A 478 -3.06 21.44 14.81
CA PRO A 478 -3.18 21.05 16.21
C PRO A 478 -1.88 20.65 16.90
N ASN A 479 -0.99 19.97 16.18
CA ASN A 479 0.28 19.56 16.78
C ASN A 479 1.26 20.73 16.96
N VAL A 480 1.36 21.60 15.98
CA VAL A 480 2.30 22.70 16.05
C VAL A 480 1.85 23.72 17.13
N LEU A 481 0.54 23.86 17.32
CA LEU A 481 0.02 24.71 18.39
C LEU A 481 0.36 24.20 19.81
N GLU A 482 0.27 22.89 20.02
CA GLU A 482 0.78 22.31 21.28
C GLU A 482 2.24 22.72 21.51
N GLU A 483 3.08 22.45 20.52
CA GLU A 483 4.52 22.76 20.57
C GLU A 483 4.78 24.25 20.82
N SER A 484 4.03 25.10 20.15
CA SER A 484 4.15 26.55 20.28
C SER A 484 3.80 27.06 21.67
N ILE A 485 2.71 26.56 22.23
CA ILE A 485 2.27 26.97 23.56
C ILE A 485 3.34 26.59 24.59
N LYS A 486 3.84 25.36 24.51
CA LYS A 486 4.85 24.87 25.43
C LYS A 486 6.18 25.62 25.29
N GLU A 487 6.69 25.74 24.06
CA GLU A 487 7.92 26.51 23.76
C GLU A 487 7.89 27.95 24.32
N SER A 488 6.77 28.64 24.08
CA SER A 488 6.61 30.06 24.48
C SER A 488 6.19 30.24 25.94
N GLY A 489 5.98 29.13 26.64
CA GLY A 489 5.51 29.15 28.01
C GLY A 489 4.14 29.74 28.21
N GLY A 490 3.25 29.60 27.22
CA GLY A 490 1.83 29.93 27.43
C GLY A 490 1.11 30.67 26.32
N SER A 491 1.83 31.16 25.33
CA SER A 491 1.19 31.84 24.21
C SER A 491 0.75 30.84 23.13
N GLY A 492 -0.51 30.93 22.70
CA GLY A 492 -1.03 30.07 21.62
C GLY A 492 -0.83 30.66 20.24
N SER A 493 -0.49 32.43 20.34
CA SER A 493 -0.64 33.14 19.09
C SER A 493 0.56 34.02 18.72
N GLN A 494 1.56 34.13 19.61
CA GLN A 494 2.77 34.97 19.42
C GLN A 494 3.40 34.88 18.02
N LYS A 495 3.76 33.66 17.63
CA LYS A 495 4.51 33.47 16.38
C LYS A 495 3.65 32.87 15.28
N LEU A 496 2.34 33.02 15.41
CA LEU A 496 1.36 32.31 14.59
C LEU A 496 1.47 32.71 13.13
N TYR A 497 1.40 34.02 12.87
CA TYR A 497 1.63 34.52 11.50
C TYR A 497 2.98 34.09 10.94
N ALA A 498 4.01 34.09 11.76
CA ALA A 498 5.33 33.65 11.32
C ALA A 498 5.34 32.15 11.00
N THR A 499 4.65 31.36 11.81
CA THR A 499 4.57 29.92 11.54
C THR A 499 3.74 29.65 10.26
N MET A 500 2.64 30.37 10.10
CA MET A 500 1.84 30.24 8.89
C MET A 500 2.63 30.65 7.65
N GLU A 501 3.40 31.74 7.76
CA GLU A 501 4.14 32.24 6.60
C GLU A 501 5.17 31.21 6.17
N LYS A 502 5.87 30.70 7.16
CA LYS A 502 6.97 29.73 6.98
C LYS A 502 6.53 28.43 6.28
N HIS A 503 5.33 27.96 6.58
CA HIS A 503 4.78 26.72 6.02
C HIS A 503 3.68 26.94 5.00
N LYS A 504 3.56 28.15 4.46
CA LYS A 504 2.35 28.52 3.76
C LYS A 504 2.07 27.74 2.49
N GLU A 505 3.11 27.39 1.75
CA GLU A 505 3.00 26.73 0.45
C GLU A 505 2.30 25.35 0.50
N VAL A 506 2.28 24.78 1.70
CA VAL A 506 1.85 23.43 1.98
C VAL A 506 0.35 23.38 2.36
N PHE A 507 -0.24 24.53 2.69
CA PHE A 507 -1.60 24.59 3.26
C PHE A 507 -2.54 25.42 2.41
N PHE A 508 -3.50 24.73 1.81
CA PHE A 508 -4.48 25.34 0.91
C PHE A 508 -5.82 25.52 1.61
N VAL A 509 -6.40 26.72 1.46
CA VAL A 509 -7.74 27.01 1.90
C VAL A 509 -8.55 27.37 0.67
N ILE A 510 -9.63 26.63 0.45
CA ILE A 510 -10.34 26.63 -0.81
C ILE A 510 -11.76 27.14 -0.59
N ARG A 511 -12.07 28.31 -1.14
CA ARG A 511 -13.36 28.92 -0.96
C ARG A 511 -14.34 28.40 -2.01
N LEU A 512 -15.32 27.65 -1.53
CA LEU A 512 -16.37 27.11 -2.36
C LEU A 512 -17.55 28.05 -2.43
N ILE A 513 -17.92 28.63 -1.29
CA ILE A 513 -19.03 29.59 -1.23
C ILE A 513 -18.50 30.87 -0.60
N ALA A 514 -18.60 31.95 -1.34
CA ALA A 514 -17.91 33.19 -1.04
C ALA A 514 -18.86 34.26 -0.52
N GLY A 515 -18.37 35.00 0.47
CA GLY A 515 -18.94 36.29 0.84
C GLY A 515 -20.26 36.22 1.58
N PRO A 516 -21.24 37.06 1.17
CA PRO A 516 -22.46 37.21 1.96
C PRO A 516 -23.35 35.96 1.94
N ALA A 517 -23.29 35.21 0.84
CA ALA A 517 -24.01 33.96 0.68
C ALA A 517 -23.57 32.91 1.69
N ALA A 518 -22.32 32.95 2.12
CA ALA A 518 -21.80 32.01 3.12
C ALA A 518 -22.38 32.20 4.54
N ASN A 519 -23.10 33.30 4.78
CA ASN A 519 -23.59 33.67 6.12
C ASN A 519 -25.05 33.33 6.41
N SER A 520 -25.83 33.04 5.37
CA SER A 520 -27.28 32.82 5.50
C SER A 520 -27.75 31.49 4.90
N LEU A 521 -26.92 30.45 4.97
CA LEU A 521 -27.20 29.18 4.30
C LEU A 521 -28.17 28.33 5.13
N PRO A 522 -28.96 27.48 4.47
CA PRO A 522 -29.80 26.53 5.24
C PRO A 522 -28.94 25.44 5.86
N PRO A 523 -29.51 24.64 6.76
CA PRO A 523 -28.78 23.53 7.34
C PRO A 523 -28.19 22.60 6.28
N ILE A 524 -27.05 21.98 6.59
CA ILE A 524 -26.48 20.95 5.71
C ILE A 524 -27.21 19.66 6.03
N VAL A 525 -27.80 19.06 4.99
CA VAL A 525 -28.48 17.77 5.09
C VAL A 525 -27.85 16.85 4.04
N ASP A 526 -27.17 15.82 4.51
CA ASP A 526 -26.55 14.85 3.64
C ASP A 526 -27.60 13.80 3.31
N PRO A 527 -27.92 13.60 2.01
CA PRO A 527 -28.90 12.58 1.65
C PRO A 527 -28.39 11.13 1.79
N ASP A 528 -27.09 10.93 1.84
CA ASP A 528 -26.56 9.58 1.94
C ASP A 528 -26.60 9.11 3.38
N PRO A 529 -26.93 7.83 3.60
CA PRO A 529 -27.00 7.29 4.95
C PRO A 529 -25.63 7.02 5.49
N LEU A 530 -25.53 6.78 6.79
CA LEU A 530 -24.29 6.34 7.39
C LEU A 530 -23.96 4.95 6.87
N ILE A 531 -22.67 4.63 6.81
CA ILE A 531 -22.22 3.35 6.30
C ILE A 531 -21.19 2.78 7.27
N PRO A 532 -21.63 1.93 8.20
CA PRO A 532 -20.73 1.26 9.13
C PRO A 532 -19.78 0.31 8.40
N CYS A 533 -18.49 0.46 8.65
CA CYS A 533 -17.48 -0.43 8.08
C CYS A 533 -16.20 -0.14 8.82
N ASP A 534 -15.92 -0.96 9.83
CA ASP A 534 -14.80 -0.73 10.72
C ASP A 534 -13.48 -0.81 10.00
N LEU A 535 -13.43 -1.63 8.96
CA LEU A 535 -12.23 -1.77 8.17
C LEU A 535 -11.76 -0.45 7.55
N MET A 536 -12.70 0.46 7.28
CA MET A 536 -12.42 1.70 6.59
C MET A 536 -12.70 2.94 7.43
N ASP A 537 -12.71 2.77 8.75
CA ASP A 537 -12.78 3.88 9.67
C ASP A 537 -11.37 4.44 9.85
N GLY A 538 -11.01 5.39 8.98
CA GLY A 538 -9.62 5.82 8.91
C GLY A 538 -8.70 4.79 8.24
N ARG A 539 -7.46 5.20 7.98
CA ARG A 539 -6.49 4.40 7.23
C ARG A 539 -5.94 3.16 7.95
N ASP A 540 -5.90 3.15 9.28
CA ASP A 540 -5.14 2.12 10.01
C ASP A 540 -5.61 0.69 9.79
N ALA A 541 -6.91 0.47 9.82
CA ALA A 541 -7.45 -0.89 9.78
C ALA A 541 -7.14 -1.59 8.46
N PHE A 542 -7.23 -0.88 7.34
CA PHE A 542 -6.97 -1.50 6.04
C PHE A 542 -5.47 -1.72 5.83
N LEU A 543 -4.63 -0.81 6.34
CA LEU A 543 -3.19 -1.03 6.33
C LEU A 543 -2.82 -2.28 7.15
N THR A 544 -3.41 -2.41 8.31
CA THR A 544 -3.18 -3.56 9.20
C THR A 544 -3.61 -4.87 8.56
N LEU A 545 -4.82 -4.90 8.01
CA LEU A 545 -5.32 -6.06 7.28
C LEU A 545 -4.35 -6.47 6.17
N ALA A 546 -3.95 -5.49 5.36
CA ALA A 546 -3.09 -5.73 4.21
C ALA A 546 -1.76 -6.31 4.61
N ARG A 547 -1.15 -5.71 5.63
CA ARG A 547 0.08 -6.22 6.22
C ARG A 547 -0.05 -7.63 6.78
N ASP A 548 -1.11 -7.89 7.53
CA ASP A 548 -1.33 -9.22 8.11
C ASP A 548 -1.67 -10.31 7.08
N LYS A 549 -2.17 -9.92 5.90
CA LYS A 549 -2.56 -10.92 4.91
C LYS A 549 -1.76 -10.88 3.61
N HIS A 550 -0.62 -10.19 3.64
CA HIS A 550 0.23 -10.04 2.46
C HIS A 550 -0.54 -9.50 1.24
N LEU A 551 -1.32 -8.46 1.49
CA LEU A 551 -2.04 -7.75 0.43
C LEU A 551 -1.25 -6.50 0.02
N GLU A 552 -0.34 -6.69 -0.92
CA GLU A 552 0.48 -5.63 -1.46
C GLU A 552 -0.15 -5.00 -2.71
N PHE A 553 0.23 -3.76 -2.97
CA PHE A 553 -0.18 -3.06 -4.18
C PHE A 553 1.05 -2.76 -5.04
N SER A 554 2.01 -3.68 -5.02
CA SER A 554 3.37 -3.46 -5.50
C SER A 554 3.61 -3.89 -6.93
N SER A 555 2.62 -4.54 -7.53
CA SER A 555 2.66 -4.91 -8.94
C SER A 555 1.23 -5.02 -9.42
N LEU A 556 1.03 -5.08 -10.73
CA LEU A 556 -0.31 -5.23 -11.24
C LEU A 556 -0.96 -6.49 -10.67
N ARG A 557 -0.26 -7.62 -10.75
CA ARG A 557 -0.85 -8.89 -10.27
C ARG A 557 -1.15 -8.89 -8.77
N ARG A 558 -0.26 -8.34 -7.96
CA ARG A 558 -0.51 -8.29 -6.54
C ARG A 558 -1.62 -7.32 -6.19
N ALA A 559 -1.67 -6.19 -6.90
CA ALA A 559 -2.75 -5.24 -6.69
C ALA A 559 -4.11 -5.82 -7.08
N GLN A 560 -4.13 -6.60 -8.15
CA GLN A 560 -5.37 -7.26 -8.55
C GLN A 560 -5.83 -8.26 -7.48
N TRP A 561 -4.90 -9.05 -6.94
CA TRP A 561 -5.22 -9.94 -5.82
C TRP A 561 -5.70 -9.14 -4.63
N SER A 562 -4.96 -8.09 -4.28
CA SER A 562 -5.31 -7.33 -3.09
C SER A 562 -6.66 -6.68 -3.23
N THR A 563 -6.96 -6.21 -4.45
CA THR A 563 -8.28 -5.64 -4.71
C THR A 563 -9.36 -6.69 -4.53
N MET A 564 -9.15 -7.87 -5.10
CA MET A 564 -10.08 -8.97 -4.96
C MET A 564 -10.35 -9.31 -3.48
N CYS A 565 -9.30 -9.37 -2.66
CA CYS A 565 -9.46 -9.66 -1.26
C CYS A 565 -10.17 -8.54 -0.48
N MET A 566 -9.76 -7.31 -0.76
CA MET A 566 -10.42 -6.11 -0.21
C MET A 566 -11.93 -6.14 -0.49
N LEU A 567 -12.29 -6.45 -1.73
CA LEU A 567 -13.69 -6.45 -2.12
C LEU A 567 -14.50 -7.55 -1.43
N VAL A 568 -13.90 -8.71 -1.26
CA VAL A 568 -14.53 -9.77 -0.47
C VAL A 568 -14.80 -9.30 0.96
N GLU A 569 -13.80 -8.68 1.56
CA GLU A 569 -13.89 -8.18 2.90
C GLU A 569 -14.98 -7.11 3.04
N LEU A 570 -15.02 -6.19 2.09
CA LEU A 570 -16.07 -5.17 2.07
C LEU A 570 -17.47 -5.74 1.88
N HIS A 571 -17.60 -6.74 1.02
CA HIS A 571 -18.90 -7.39 0.80
C HIS A 571 -19.41 -8.23 1.97
N THR A 572 -18.50 -8.90 2.66
CA THR A 572 -18.86 -9.86 3.70
C THR A 572 -18.92 -9.27 5.10
N GLN A 573 -18.23 -8.18 5.36
CA GLN A 573 -18.28 -7.61 6.71
C GLN A 573 -19.56 -6.83 6.90
N SER A 574 -20.04 -6.25 5.81
CA SER A 574 -21.37 -5.66 5.72
C SER A 574 -22.48 -6.71 5.89
#